data_1ZAY
#
_entry.id   1ZAY
#
_cell.length_a   176.449
_cell.length_b   95.187
_cell.length_c   81.777
_cell.angle_alpha   90.00
_cell.angle_beta   90.00
_cell.angle_gamma   90.00
#
_symmetry.space_group_name_H-M   'C 2 2 21'
#
loop_
_entity.id
_entity.type
_entity.pdbx_description
1 polymer "DNA (5'-D(*AP*AP*CP*GP*AP*AP*AP*AP*TP*(1AP)P*TP*TP*TP*TP*CP*GP*T)-3')"
2 polymer 'PROTEIN (PURINE REPRESSOR)'
3 non-polymer HYPOXANTHINE
4 water water
#
loop_
_entity_poly.entity_id
_entity_poly.type
_entity_poly.pdbx_seq_one_letter_code
_entity_poly.pdbx_strand_id
1 'polydeoxyribonucleotide' (DA)(DA)(DC)(DG)(DA)(DA)(DA)(DA)(DT)(1AP)(DT)(DT)(DT)(DT)(DC)(DG)(DT) M
2 'polypeptide(L)'
;ATIKDVAKRANVSTTTVSHVINKTRFVAEETRNAVWAAIKELHYSPSAVARSLKVNHTKSIGLLATSSEAAYFAEIIEAV
EKNCFQKGYTLILGNAWNNLEKQRAYLSMMAQKRVDGLLVMCSEYPEPLLAMLEEYRHIPMVVMDWGEAKADFTDAVIDN
AFEGGYMAGRYLIERGHREIGVIPGPLERNTGAGRLAGFMKAMEEAMIKVPESWIVQGDFEPESGYRAMQQILSQPHRPT
AVFCGGDIMAMGALCAADEMGLRVPQDVSLIGYDNVRNARYFTPALTTIHQPKDSLGETAFNMLLDRIVNKREEPQSIEV
HPRLIERRSVADGPFRDYRR
;
A
#
loop_
_chem_comp.id
_chem_comp.type
_chem_comp.name
_chem_comp.formula
1AP DNA linking '2,6-DIAMINOPURINE NUCLEOTIDE' 'C10 H15 N6 O6 P'
DA DNA linking 2'-DEOXYADENOSINE-5'-MONOPHOSPHATE 'C10 H14 N5 O6 P'
DC DNA linking 2'-DEOXYCYTIDINE-5'-MONOPHOSPHATE 'C9 H14 N3 O7 P'
DG DNA linking 2'-DEOXYGUANOSINE-5'-MONOPHOSPHATE 'C10 H14 N5 O7 P'
DT DNA linking THYMIDINE-5'-MONOPHOSPHATE 'C10 H15 N2 O8 P'
HPA non-polymer HYPOXANTHINE 'C5 H4 N4 O'
#
# COMPACT_ATOMS: atom_id res chain seq x y z
N1 1AP A 10 -9.16 32.07 -18.74
C2 1AP A 10 -8.63 30.79 -18.66
C4 1AP A 10 -6.78 31.57 -17.70
C5 1AP A 10 -7.20 32.86 -17.72
C6 1AP A 10 -8.46 33.12 -18.28
C8 1AP A 10 -5.28 32.92 -16.82
N2 1AP A 10 -9.42 29.82 -19.15
N3 1AP A 10 -7.44 30.48 -18.14
N9 1AP A 10 -5.54 31.60 -17.11
N7 1AP A 10 -6.26 33.72 -17.17
N6 1AP A 10 -9.00 34.34 -18.37
P 1AP A 10 -2.66 32.36 -12.56
OP1 1AP A 10 -1.77 31.78 -11.54
OP2 1AP A 10 -2.36 33.72 -13.10
O5' 1AP A 10 -2.81 31.37 -13.81
C5' 1AP A 10 -3.30 30.06 -13.66
C4' 1AP A 10 -3.65 29.44 -15.01
O4' 1AP A 10 -4.87 30.03 -15.52
C1' 1AP A 10 -4.66 30.46 -16.85
C2' 1AP A 10 -3.18 30.76 -16.93
C3' 1AP A 10 -2.60 29.64 -16.11
O3' 1AP A 10 -2.57 28.46 -16.93
N THR B 2 -22.99 29.89 -16.56
CA THR B 2 -24.28 29.38 -16.07
C THR B 2 -24.58 29.85 -14.65
N ILE B 3 -23.58 30.36 -13.93
CA ILE B 3 -23.87 30.87 -12.60
C ILE B 3 -24.66 32.15 -12.91
N LYS B 4 -24.45 32.65 -14.15
CA LYS B 4 -25.10 33.85 -14.68
C LYS B 4 -26.58 33.53 -14.80
N ASP B 5 -26.84 32.48 -15.54
CA ASP B 5 -28.20 32.04 -15.78
C ASP B 5 -28.94 31.86 -14.45
N VAL B 6 -28.27 31.32 -13.44
CA VAL B 6 -28.98 31.15 -12.19
C VAL B 6 -29.26 32.55 -11.62
N ALA B 7 -28.23 33.38 -11.59
CA ALA B 7 -28.35 34.74 -11.07
C ALA B 7 -29.45 35.63 -11.68
N LYS B 8 -29.53 35.67 -13.00
CA LYS B 8 -30.54 36.50 -13.63
C LYS B 8 -31.96 35.97 -13.51
N ARG B 9 -32.08 34.70 -13.14
CA ARG B 9 -33.39 34.10 -12.99
C ARG B 9 -33.85 34.41 -11.56
N ALA B 10 -32.88 34.63 -10.67
CA ALA B 10 -33.16 34.92 -9.27
C ALA B 10 -33.15 36.42 -9.08
N ASN B 11 -32.79 37.14 -10.14
CA ASN B 11 -32.72 38.59 -10.11
C ASN B 11 -31.79 39.08 -9.01
N VAL B 12 -30.56 38.60 -9.07
CA VAL B 12 -29.55 38.96 -8.11
C VAL B 12 -28.26 38.84 -8.83
N SER B 13 -27.21 39.37 -8.24
CA SER B 13 -25.91 39.31 -8.87
C SER B 13 -25.40 37.88 -8.83
N THR B 14 -24.29 37.63 -9.52
CA THR B 14 -23.67 36.32 -9.56
C THR B 14 -22.98 36.24 -8.20
N THR B 15 -22.37 37.37 -7.85
CA THR B 15 -21.68 37.53 -6.59
C THR B 15 -22.58 37.02 -5.44
N THR B 16 -23.87 37.24 -5.56
CA THR B 16 -24.78 36.81 -4.53
C THR B 16 -24.93 35.33 -4.65
N VAL B 17 -25.26 34.88 -5.86
CA VAL B 17 -25.44 33.46 -6.13
C VAL B 17 -24.28 32.66 -5.57
N SER B 18 -23.08 33.20 -5.69
CA SER B 18 -21.94 32.50 -5.18
C SER B 18 -22.04 32.39 -3.66
N HIS B 19 -22.21 33.54 -3.03
CA HIS B 19 -22.31 33.63 -1.60
C HIS B 19 -23.28 32.70 -0.90
N VAL B 20 -24.45 32.49 -1.49
CA VAL B 20 -25.41 31.61 -0.86
C VAL B 20 -24.93 30.20 -1.00
N ILE B 21 -24.39 29.89 -2.17
CA ILE B 21 -23.89 28.56 -2.45
C ILE B 21 -22.81 28.18 -1.47
N ASN B 22 -21.86 29.07 -1.26
CA ASN B 22 -20.76 28.78 -0.36
C ASN B 22 -20.94 29.26 1.06
N LYS B 23 -22.07 29.91 1.36
CA LYS B 23 -22.32 30.39 2.71
C LYS B 23 -21.14 31.23 3.11
N THR B 24 -20.52 31.83 2.11
CA THR B 24 -19.33 32.66 2.31
C THR B 24 -19.66 34.00 3.00
N ARG B 25 -20.93 34.39 2.99
CA ARG B 25 -21.37 35.62 3.63
C ARG B 25 -22.90 35.62 3.74
N PHE B 26 -23.44 36.50 4.59
CA PHE B 26 -24.90 36.59 4.79
C PHE B 26 -25.78 37.06 3.62
N VAL B 27 -26.84 36.28 3.36
CA VAL B 27 -27.78 36.60 2.31
C VAL B 27 -29.13 36.53 2.96
N ALA B 28 -30.03 37.40 2.55
CA ALA B 28 -31.37 37.44 3.11
C ALA B 28 -32.04 36.11 2.88
N GLU B 29 -33.00 35.76 3.75
CA GLU B 29 -33.70 34.49 3.61
C GLU B 29 -34.27 34.38 2.23
N GLU B 30 -35.24 35.22 1.93
CA GLU B 30 -35.87 35.21 0.62
C GLU B 30 -34.87 35.16 -0.51
N THR B 31 -33.90 36.05 -0.44
CA THR B 31 -32.88 36.10 -1.44
C THR B 31 -32.23 34.74 -1.57
N ARG B 32 -31.85 34.18 -0.43
CA ARG B 32 -31.23 32.88 -0.44
C ARG B 32 -32.16 31.84 -1.04
N ASN B 33 -33.45 31.93 -0.72
CA ASN B 33 -34.42 30.97 -1.27
C ASN B 33 -34.61 31.11 -2.75
N ALA B 34 -34.73 32.35 -3.20
CA ALA B 34 -34.89 32.60 -4.63
C ALA B 34 -33.78 31.95 -5.40
N VAL B 35 -32.54 32.19 -4.95
CA VAL B 35 -31.39 31.63 -5.61
C VAL B 35 -31.53 30.12 -5.68
N TRP B 36 -31.88 29.51 -4.55
CA TRP B 36 -32.05 28.08 -4.53
C TRP B 36 -33.02 27.66 -5.60
N ALA B 37 -34.17 28.30 -5.62
CA ALA B 37 -35.20 28.03 -6.60
C ALA B 37 -34.62 28.02 -8.01
N ALA B 38 -34.01 29.15 -8.41
CA ALA B 38 -33.42 29.23 -9.73
C ALA B 38 -32.43 28.07 -9.87
N ILE B 39 -31.62 27.91 -8.85
CA ILE B 39 -30.62 26.85 -8.83
C ILE B 39 -31.25 25.52 -9.17
N LYS B 40 -32.41 25.27 -8.58
CA LYS B 40 -33.11 24.01 -8.83
C LYS B 40 -33.70 23.92 -10.22
N GLU B 41 -34.48 24.91 -10.60
CA GLU B 41 -35.11 24.93 -11.91
C GLU B 41 -34.07 24.69 -13.00
N LEU B 42 -33.15 25.62 -13.14
CA LEU B 42 -32.13 25.49 -14.15
C LEU B 42 -31.40 24.16 -14.10
N HIS B 43 -31.38 23.56 -12.91
CA HIS B 43 -30.70 22.30 -12.70
C HIS B 43 -29.27 22.72 -12.86
N TYR B 44 -28.74 23.33 -11.81
CA TYR B 44 -27.35 23.83 -11.82
C TYR B 44 -26.35 23.02 -11.04
N SER B 45 -25.19 22.84 -11.65
CA SER B 45 -24.12 22.11 -11.03
C SER B 45 -22.94 23.02 -11.19
N PRO B 46 -22.51 23.57 -10.08
CA PRO B 46 -21.38 24.49 -10.08
C PRO B 46 -20.21 23.82 -10.77
N SER B 47 -19.39 24.57 -11.48
CA SER B 47 -18.26 23.98 -12.14
C SER B 47 -17.10 23.95 -11.21
N ALA B 48 -16.71 22.75 -10.80
CA ALA B 48 -15.60 22.61 -9.91
C ALA B 48 -14.30 23.04 -10.58
N VAL B 49 -14.27 22.96 -11.91
CA VAL B 49 -13.05 23.35 -12.62
C VAL B 49 -12.84 24.86 -12.61
N ALA B 50 -13.91 25.60 -12.90
CA ALA B 50 -13.87 27.02 -12.92
C ALA B 50 -13.37 27.49 -11.57
N ARG B 51 -14.02 26.99 -10.53
CA ARG B 51 -13.67 27.33 -9.16
C ARG B 51 -12.23 27.05 -8.79
N SER B 52 -11.76 25.84 -9.11
CA SER B 52 -10.40 25.45 -8.78
C SER B 52 -9.43 26.39 -9.42
N LEU B 53 -9.83 26.88 -10.60
CA LEU B 53 -9.03 27.82 -11.37
C LEU B 53 -8.73 29.02 -10.54
N LYS B 54 -9.73 29.49 -9.82
CA LYS B 54 -9.56 30.67 -8.98
C LYS B 54 -9.01 30.41 -7.60
N VAL B 55 -9.53 29.41 -6.92
CA VAL B 55 -9.10 29.11 -5.58
C VAL B 55 -7.72 28.46 -5.49
N ASN B 56 -7.28 27.88 -6.60
CA ASN B 56 -5.97 27.22 -6.68
C ASN B 56 -5.77 25.94 -5.87
N HIS B 57 -6.55 24.94 -6.24
CA HIS B 57 -6.53 23.64 -5.63
C HIS B 57 -7.74 22.92 -6.16
N THR B 58 -7.55 21.66 -6.49
CA THR B 58 -8.61 20.86 -7.05
C THR B 58 -9.31 20.02 -6.06
N LYS B 59 -8.82 20.03 -4.83
CA LYS B 59 -9.42 19.22 -3.75
C LYS B 59 -9.52 17.82 -4.34
N SER B 60 -8.36 17.31 -4.74
CA SER B 60 -8.28 16.00 -5.34
C SER B 60 -6.83 15.55 -5.32
N ILE B 61 -6.58 14.36 -4.80
CA ILE B 61 -5.23 13.82 -4.71
C ILE B 61 -5.00 12.64 -5.66
N GLY B 62 -3.74 12.34 -5.98
CA GLY B 62 -3.43 11.24 -6.91
C GLY B 62 -2.63 10.05 -6.36
N LEU B 63 -2.89 8.88 -6.92
CA LEU B 63 -2.21 7.66 -6.48
C LEU B 63 -1.35 7.11 -7.58
N LEU B 64 -0.05 7.27 -7.44
CA LEU B 64 0.86 6.75 -8.45
C LEU B 64 1.24 5.39 -7.92
N ALA B 65 0.41 4.42 -8.24
CA ALA B 65 0.61 3.06 -7.79
C ALA B 65 1.35 2.18 -8.76
N THR B 66 1.57 0.96 -8.34
CA THR B 66 2.24 -0.01 -9.15
C THR B 66 1.21 -0.83 -9.91
N SER B 67 0.34 -1.51 -9.17
CA SER B 67 -0.70 -2.34 -9.74
C SER B 67 -1.83 -2.22 -8.73
N SER B 68 -3.05 -2.52 -9.13
CA SER B 68 -4.20 -2.43 -8.22
C SER B 68 -4.92 -3.73 -7.93
N GLU B 69 -4.67 -4.77 -8.73
CA GLU B 69 -5.32 -6.08 -8.53
C GLU B 69 -4.79 -6.85 -7.35
N ALA B 70 -3.47 -6.89 -7.20
CA ALA B 70 -2.87 -7.61 -6.08
C ALA B 70 -3.53 -7.29 -4.76
N ALA B 71 -3.93 -8.35 -4.08
CA ALA B 71 -4.59 -8.23 -2.80
C ALA B 71 -3.97 -7.20 -1.93
N TYR B 72 -2.68 -7.33 -1.70
CA TYR B 72 -1.93 -6.40 -0.86
C TYR B 72 -2.27 -4.99 -1.26
N PHE B 73 -2.08 -4.69 -2.53
CA PHE B 73 -2.36 -3.37 -3.02
C PHE B 73 -3.77 -2.94 -2.85
N ALA B 74 -4.65 -3.68 -3.50
CA ALA B 74 -6.06 -3.41 -3.46
C ALA B 74 -6.57 -2.96 -2.11
N GLU B 75 -6.13 -3.63 -1.06
CA GLU B 75 -6.57 -3.26 0.26
C GLU B 75 -6.09 -1.88 0.63
N ILE B 76 -4.81 -1.62 0.47
CA ILE B 76 -4.25 -0.31 0.80
C ILE B 76 -5.04 0.80 0.12
N ILE B 77 -5.16 0.68 -1.19
CA ILE B 77 -5.89 1.65 -1.98
C ILE B 77 -7.31 1.89 -1.46
N GLU B 78 -8.10 0.83 -1.36
CA GLU B 78 -9.46 0.95 -0.89
C GLU B 78 -9.52 1.71 0.42
N ALA B 79 -8.45 1.64 1.18
CA ALA B 79 -8.40 2.32 2.46
C ALA B 79 -8.16 3.75 2.19
N VAL B 80 -7.26 3.99 1.26
CA VAL B 80 -6.95 5.34 0.91
C VAL B 80 -8.26 6.00 0.43
N GLU B 81 -8.95 5.39 -0.54
CA GLU B 81 -10.21 5.96 -1.05
C GLU B 81 -11.10 6.44 0.08
N LYS B 82 -11.27 5.61 1.09
CA LYS B 82 -12.12 5.99 2.22
C LYS B 82 -11.69 7.33 2.79
N ASN B 83 -10.44 7.40 3.19
CA ASN B 83 -9.90 8.61 3.76
C ASN B 83 -10.09 9.82 2.87
N CYS B 84 -9.90 9.66 1.57
CA CYS B 84 -10.06 10.77 0.63
C CYS B 84 -11.49 11.24 0.70
N PHE B 85 -12.40 10.30 0.53
CA PHE B 85 -13.83 10.58 0.53
C PHE B 85 -14.42 11.19 1.77
N GLN B 86 -14.02 10.70 2.93
CA GLN B 86 -14.56 11.22 4.15
C GLN B 86 -13.99 12.58 4.48
N LYS B 87 -13.06 13.04 3.65
CA LYS B 87 -12.41 14.34 3.85
C LYS B 87 -12.55 15.27 2.65
N GLY B 88 -13.48 14.94 1.74
CA GLY B 88 -13.72 15.76 0.56
C GLY B 88 -12.94 15.46 -0.72
N TYR B 89 -11.74 14.91 -0.60
CA TYR B 89 -10.93 14.59 -1.76
C TYR B 89 -11.48 13.57 -2.73
N THR B 90 -11.15 13.77 -3.99
CA THR B 90 -11.57 12.89 -5.07
C THR B 90 -10.28 12.11 -5.35
N LEU B 91 -10.39 10.84 -5.79
CA LEU B 91 -9.18 10.05 -6.04
C LEU B 91 -8.81 9.62 -7.46
N ILE B 92 -7.63 10.03 -7.90
CA ILE B 92 -7.13 9.67 -9.23
C ILE B 92 -6.17 8.52 -9.05
N LEU B 93 -6.51 7.39 -9.63
CA LEU B 93 -5.67 6.23 -9.50
C LEU B 93 -4.88 5.96 -10.75
N GLY B 94 -3.58 5.74 -10.63
CA GLY B 94 -2.75 5.46 -11.79
C GLY B 94 -1.74 4.34 -11.47
N ASN B 95 -1.70 3.29 -12.28
CA ASN B 95 -0.75 2.18 -12.06
C ASN B 95 0.39 2.29 -13.08
N ALA B 96 1.62 2.46 -12.57
CA ALA B 96 2.82 2.60 -13.40
C ALA B 96 3.38 1.31 -13.91
N TRP B 97 3.05 0.20 -13.25
CA TRP B 97 3.53 -1.10 -13.67
C TRP B 97 5.03 -1.12 -13.71
N ASN B 98 5.65 -0.39 -12.79
CA ASN B 98 7.09 -0.33 -12.71
C ASN B 98 7.73 0.04 -14.05
N ASN B 99 6.99 0.79 -14.87
CA ASN B 99 7.47 1.21 -16.17
C ASN B 99 7.76 2.70 -16.13
N LEU B 100 9.04 3.04 -16.19
CA LEU B 100 9.47 4.43 -16.17
C LEU B 100 8.63 5.39 -17.02
N GLU B 101 8.49 5.08 -18.31
CA GLU B 101 7.71 5.93 -19.20
C GLU B 101 6.31 6.08 -18.63
N LYS B 102 5.71 4.95 -18.28
CA LYS B 102 4.40 4.94 -17.72
C LYS B 102 4.39 5.84 -16.51
N GLN B 103 5.41 5.71 -15.66
CA GLN B 103 5.44 6.56 -14.48
C GLN B 103 5.71 8.03 -14.79
N ARG B 104 6.49 8.29 -15.81
CA ARG B 104 6.79 9.64 -16.18
C ARG B 104 5.51 10.29 -16.72
N ALA B 105 4.78 9.53 -17.52
CA ALA B 105 3.53 10.02 -18.10
C ALA B 105 2.49 10.36 -17.05
N TYR B 106 2.26 9.44 -16.14
CA TYR B 106 1.28 9.67 -15.11
C TYR B 106 1.68 10.87 -14.28
N LEU B 107 2.92 10.88 -13.83
CA LEU B 107 3.44 11.96 -13.02
C LEU B 107 3.11 13.31 -13.69
N SER B 108 3.16 13.33 -15.02
CA SER B 108 2.86 14.55 -15.72
C SER B 108 1.38 14.90 -15.73
N MET B 109 0.57 13.95 -16.18
CA MET B 109 -0.86 14.15 -16.25
C MET B 109 -1.32 14.61 -14.91
N MET B 110 -0.71 14.07 -13.88
CA MET B 110 -1.09 14.45 -12.55
C MET B 110 -0.76 15.89 -12.24
N ALA B 111 0.47 16.30 -12.50
CA ALA B 111 0.88 17.67 -12.23
C ALA B 111 0.02 18.67 -13.03
N GLN B 112 -0.23 18.32 -14.28
CA GLN B 112 -1.03 19.15 -15.15
C GLN B 112 -2.45 19.24 -14.67
N LYS B 113 -3.01 18.10 -14.28
CA LYS B 113 -4.39 18.06 -13.79
C LYS B 113 -4.42 18.67 -12.38
N ARG B 114 -3.27 19.19 -11.98
CA ARG B 114 -3.07 19.84 -10.68
C ARG B 114 -3.58 19.16 -9.43
N VAL B 115 -3.05 17.99 -9.15
CA VAL B 115 -3.48 17.29 -7.97
C VAL B 115 -2.96 18.09 -6.78
N ASP B 116 -3.72 18.12 -5.70
CA ASP B 116 -3.35 18.85 -4.51
C ASP B 116 -2.21 18.20 -3.75
N GLY B 117 -2.10 16.88 -3.88
CA GLY B 117 -1.06 16.08 -3.20
C GLY B 117 -0.79 14.81 -4.02
N LEU B 118 0.29 14.11 -3.69
CA LEU B 118 0.65 12.88 -4.41
C LEU B 118 0.99 11.71 -3.49
N LEU B 119 0.28 10.62 -3.66
CA LEU B 119 0.51 9.41 -2.86
C LEU B 119 1.37 8.47 -3.74
N VAL B 120 2.60 8.19 -3.31
CA VAL B 120 3.50 7.33 -4.10
C VAL B 120 3.74 5.94 -3.61
N MET B 121 3.43 4.94 -4.46
CA MET B 121 3.61 3.50 -4.14
C MET B 121 4.13 2.81 -5.40
N CYS B 122 5.43 2.97 -5.64
CA CYS B 122 6.06 2.40 -6.82
C CYS B 122 6.85 1.11 -6.73
N SER B 123 6.97 0.58 -5.53
CA SER B 123 7.69 -0.67 -5.33
C SER B 123 9.17 -0.54 -5.54
N GLU B 124 9.59 -0.38 -6.77
CA GLU B 124 11.04 -0.26 -7.04
C GLU B 124 11.39 1.17 -7.47
N TYR B 125 12.36 1.76 -6.77
CA TYR B 125 12.83 3.12 -7.03
C TYR B 125 14.28 3.28 -7.56
N PRO B 126 14.48 3.14 -8.86
CA PRO B 126 15.81 3.30 -9.41
C PRO B 126 16.15 4.77 -9.35
N GLU B 127 17.41 5.13 -9.50
CA GLU B 127 17.78 6.55 -9.44
C GLU B 127 16.97 7.38 -10.43
N PRO B 128 16.85 6.91 -11.67
CA PRO B 128 16.09 7.65 -12.67
C PRO B 128 14.70 8.03 -12.15
N LEU B 129 14.09 7.16 -11.35
CA LEU B 129 12.77 7.47 -10.80
C LEU B 129 12.85 8.44 -9.65
N LEU B 130 13.83 8.26 -8.79
CA LEU B 130 13.97 9.15 -7.66
C LEU B 130 14.19 10.55 -8.16
N ALA B 131 14.77 10.62 -9.36
CA ALA B 131 15.06 11.90 -10.02
C ALA B 131 13.78 12.60 -10.45
N MET B 132 12.99 11.90 -11.28
CA MET B 132 11.74 12.43 -11.78
C MET B 132 10.95 12.99 -10.60
N LEU B 133 10.92 12.22 -9.52
CA LEU B 133 10.22 12.63 -8.34
C LEU B 133 10.69 13.99 -7.84
N GLU B 134 11.99 14.21 -7.79
CA GLU B 134 12.49 15.51 -7.31
C GLU B 134 11.98 16.64 -8.20
N GLU B 135 11.92 16.38 -9.51
CA GLU B 135 11.46 17.40 -10.42
C GLU B 135 10.08 17.87 -10.02
N TYR B 136 9.42 17.11 -9.15
CA TYR B 136 8.08 17.48 -8.70
C TYR B 136 8.05 17.68 -7.22
N ARG B 137 9.20 18.02 -6.66
CA ARG B 137 9.29 18.25 -5.23
C ARG B 137 8.32 19.37 -4.77
N HIS B 138 7.73 20.08 -5.73
CA HIS B 138 6.82 21.14 -5.37
C HIS B 138 5.50 20.58 -4.88
N ILE B 139 4.86 19.80 -5.75
CA ILE B 139 3.59 19.20 -5.38
C ILE B 139 3.88 18.29 -4.19
N PRO B 140 3.21 18.54 -3.07
CA PRO B 140 3.41 17.77 -1.84
C PRO B 140 3.14 16.28 -2.04
N MET B 141 4.02 15.45 -1.52
CA MET B 141 3.84 14.02 -1.68
C MET B 141 4.43 13.15 -0.59
N VAL B 142 3.98 11.88 -0.57
CA VAL B 142 4.47 10.92 0.41
C VAL B 142 4.59 9.50 -0.18
N VAL B 143 5.76 8.87 -0.02
CA VAL B 143 5.95 7.51 -0.53
C VAL B 143 5.56 6.66 0.64
N MET B 144 4.81 5.60 0.37
CA MET B 144 4.34 4.72 1.42
C MET B 144 4.98 3.37 1.43
N ASP B 145 5.90 3.14 0.50
CA ASP B 145 6.54 1.84 0.43
C ASP B 145 8.05 1.74 0.58
N TRP B 146 8.65 2.63 1.36
CA TRP B 146 10.11 2.60 1.55
C TRP B 146 10.44 2.06 2.94
N GLY B 147 11.67 1.56 3.09
CA GLY B 147 12.15 1.01 4.37
C GLY B 147 12.71 2.10 5.28
N GLU B 148 13.27 3.13 4.65
CA GLU B 148 13.86 4.27 5.34
C GLU B 148 13.57 5.47 4.50
N ALA B 149 14.05 6.63 4.93
CA ALA B 149 13.83 7.85 4.13
C ALA B 149 14.86 7.96 3.01
N LYS B 150 14.48 7.49 1.83
CA LYS B 150 15.33 7.50 0.64
C LYS B 150 15.66 8.92 0.12
N ALA B 151 14.92 9.93 0.57
CA ALA B 151 15.15 11.29 0.13
C ALA B 151 14.69 12.31 1.13
N ASP B 152 14.84 13.57 0.77
CA ASP B 152 14.46 14.68 1.64
C ASP B 152 13.28 15.52 1.13
N PHE B 153 12.85 15.28 -0.09
CA PHE B 153 11.75 16.04 -0.63
C PHE B 153 10.42 15.34 -0.52
N THR B 154 10.27 14.46 0.48
CA THR B 154 9.02 13.73 0.69
C THR B 154 8.83 13.29 2.10
N ASP B 155 7.59 12.94 2.42
CA ASP B 155 7.26 12.45 3.73
C ASP B 155 7.24 10.93 3.47
N ALA B 156 7.52 10.12 4.48
CA ALA B 156 7.51 8.71 4.26
C ALA B 156 6.95 7.97 5.43
N VAL B 157 6.33 6.85 5.15
CA VAL B 157 5.75 6.05 6.20
C VAL B 157 6.57 4.76 6.14
N ILE B 158 7.00 4.26 7.30
CA ILE B 158 7.81 3.06 7.28
C ILE B 158 7.25 1.84 8.00
N ASP B 159 7.11 0.76 7.22
CA ASP B 159 6.56 -0.53 7.66
C ASP B 159 7.37 -1.44 8.57
N ASN B 160 8.66 -1.19 8.69
CA ASN B 160 9.48 -2.02 9.57
C ASN B 160 9.47 -3.47 9.09
N ALA B 161 9.49 -3.68 7.78
CA ALA B 161 9.48 -5.02 7.21
C ALA B 161 10.66 -5.88 7.62
N PHE B 162 11.63 -5.28 8.26
CA PHE B 162 12.81 -6.02 8.71
C PHE B 162 12.43 -6.70 9.98
N GLU B 163 11.96 -5.91 10.94
CA GLU B 163 11.54 -6.45 12.24
C GLU B 163 10.40 -7.50 12.08
N GLY B 164 9.82 -7.56 10.89
CA GLY B 164 8.74 -8.50 10.59
C GLY B 164 9.41 -9.81 10.23
N GLY B 165 10.30 -9.75 9.24
CA GLY B 165 11.04 -10.93 8.76
C GLY B 165 11.66 -11.65 9.96
N TYR B 166 12.24 -10.86 10.86
CA TYR B 166 12.86 -11.37 12.07
C TYR B 166 11.81 -12.08 12.91
N MET B 167 10.66 -11.43 13.08
CA MET B 167 9.60 -12.03 13.86
C MET B 167 9.23 -13.38 13.25
N ALA B 168 9.06 -13.41 11.93
CA ALA B 168 8.71 -14.64 11.22
C ALA B 168 9.73 -15.74 11.50
N GLY B 169 11.00 -15.44 11.30
CA GLY B 169 12.04 -16.42 11.55
C GLY B 169 11.93 -16.98 12.98
N ARG B 170 12.05 -16.11 13.97
CA ARG B 170 11.96 -16.49 15.37
C ARG B 170 10.90 -17.56 15.69
N TYR B 171 9.68 -17.30 15.25
CA TYR B 171 8.57 -18.19 15.48
C TYR B 171 8.97 -19.56 15.06
N LEU B 172 9.34 -19.69 13.80
CA LEU B 172 9.74 -20.95 13.28
C LEU B 172 10.77 -21.59 14.18
N ILE B 173 11.77 -20.80 14.55
CA ILE B 173 12.83 -21.28 15.41
C ILE B 173 12.34 -21.80 16.73
N GLU B 174 11.53 -20.99 17.37
CA GLU B 174 10.94 -21.29 18.66
C GLU B 174 9.96 -22.44 18.57
N ARG B 175 9.57 -22.80 17.35
CA ARG B 175 8.64 -23.89 17.16
C ARG B 175 9.39 -25.19 17.07
N GLY B 176 10.72 -25.12 16.96
CA GLY B 176 11.54 -26.33 16.91
C GLY B 176 12.13 -26.59 15.56
N HIS B 177 12.11 -25.57 14.71
CA HIS B 177 12.64 -25.68 13.37
C HIS B 177 14.09 -25.23 13.25
N ARG B 178 14.78 -25.79 12.25
CA ARG B 178 16.18 -25.50 11.96
C ARG B 178 16.49 -25.67 10.47
N GLU B 179 15.66 -26.44 9.76
CA GLU B 179 15.88 -26.63 8.35
C GLU B 179 14.80 -25.83 7.66
N ILE B 180 15.09 -24.54 7.46
CA ILE B 180 14.16 -23.64 6.85
C ILE B 180 14.56 -23.10 5.49
N GLY B 181 13.58 -22.99 4.62
CA GLY B 181 13.80 -22.47 3.29
C GLY B 181 13.10 -21.10 3.24
N VAL B 182 13.23 -20.41 2.12
CA VAL B 182 12.60 -19.10 2.00
C VAL B 182 12.41 -18.58 0.58
N ILE B 183 11.16 -18.25 0.25
CA ILE B 183 10.85 -17.72 -1.05
C ILE B 183 10.59 -16.25 -0.79
N PRO B 184 11.54 -15.41 -1.15
CA PRO B 184 11.37 -13.97 -0.91
C PRO B 184 10.82 -13.26 -2.14
N GLY B 185 10.41 -12.01 -1.95
CA GLY B 185 9.87 -11.20 -3.05
C GLY B 185 11.06 -10.42 -3.58
N PRO B 186 10.91 -9.76 -4.73
CA PRO B 186 11.97 -8.98 -5.36
C PRO B 186 12.82 -8.24 -4.36
N LEU B 187 14.13 -8.28 -4.60
CA LEU B 187 15.05 -7.64 -3.70
C LEU B 187 15.13 -6.16 -3.92
N GLU B 188 14.65 -5.73 -5.08
CA GLU B 188 14.65 -4.31 -5.41
C GLU B 188 13.50 -3.65 -4.63
N ARG B 189 12.80 -4.48 -3.84
CA ARG B 189 11.66 -4.04 -3.03
C ARG B 189 12.00 -4.12 -1.55
N ASN B 190 11.37 -3.24 -0.77
CA ASN B 190 11.57 -3.19 0.66
C ASN B 190 10.87 -4.40 1.26
N THR B 191 9.65 -4.63 0.80
CA THR B 191 8.83 -5.75 1.23
C THR B 191 9.49 -7.09 0.83
N GLY B 192 10.51 -7.06 -0.03
CA GLY B 192 11.21 -8.27 -0.47
C GLY B 192 12.51 -8.34 0.32
N ALA B 193 13.51 -7.64 -0.15
CA ALA B 193 14.81 -7.60 0.48
C ALA B 193 14.78 -7.33 1.97
N GLY B 194 13.93 -6.43 2.41
CA GLY B 194 13.89 -6.11 3.83
C GLY B 194 13.33 -7.12 4.79
N ARG B 195 12.37 -7.89 4.31
CA ARG B 195 11.75 -8.89 5.16
C ARG B 195 12.75 -10.03 5.25
N LEU B 196 13.36 -10.32 4.12
CA LEU B 196 14.35 -11.37 4.02
C LEU B 196 15.44 -11.18 5.00
N ALA B 197 16.01 -10.00 5.01
CA ALA B 197 17.07 -9.72 5.92
C ALA B 197 16.67 -9.85 7.36
N GLY B 198 15.51 -9.32 7.72
CA GLY B 198 15.06 -9.41 9.10
C GLY B 198 15.07 -10.88 9.49
N PHE B 199 14.72 -11.70 8.51
CA PHE B 199 14.66 -13.14 8.64
C PHE B 199 16.05 -13.68 8.90
N MET B 200 16.93 -13.56 7.91
CA MET B 200 18.29 -14.02 8.07
C MET B 200 19.00 -13.62 9.37
N LYS B 201 18.68 -12.46 9.91
CA LYS B 201 19.32 -12.02 11.13
C LYS B 201 19.01 -13.05 12.17
N ALA B 202 17.72 -13.29 12.39
CA ALA B 202 17.28 -14.27 13.36
C ALA B 202 17.95 -15.63 13.14
N MET B 203 18.14 -16.00 11.86
CA MET B 203 18.76 -17.26 11.45
C MET B 203 20.21 -17.29 11.97
N GLU B 204 20.92 -16.20 11.77
CA GLU B 204 22.30 -16.09 12.22
C GLU B 204 22.40 -16.19 13.70
N GLU B 205 21.63 -15.41 14.42
CA GLU B 205 21.74 -15.51 15.85
C GLU B 205 21.38 -16.90 16.32
N ALA B 206 20.84 -17.71 15.43
CA ALA B 206 20.47 -19.04 15.83
C ALA B 206 21.43 -20.02 15.23
N MET B 207 22.47 -19.49 14.63
CA MET B 207 23.48 -20.30 14.01
C MET B 207 22.90 -21.23 12.97
N ILE B 208 21.85 -20.77 12.31
CA ILE B 208 21.24 -21.57 11.29
C ILE B 208 21.73 -20.98 9.98
N LYS B 209 22.03 -21.86 9.04
CA LYS B 209 22.52 -21.47 7.73
C LYS B 209 21.49 -21.86 6.72
N VAL B 210 21.24 -21.01 5.77
CA VAL B 210 20.26 -21.38 4.81
C VAL B 210 20.94 -21.76 3.53
N PRO B 211 20.92 -23.04 3.26
CA PRO B 211 21.54 -23.58 2.07
C PRO B 211 20.92 -22.86 0.89
N GLU B 212 21.74 -22.37 -0.01
CA GLU B 212 21.20 -21.65 -1.13
C GLU B 212 20.24 -22.42 -2.03
N SER B 213 20.25 -23.75 -1.95
CA SER B 213 19.33 -24.49 -2.82
C SER B 213 17.95 -24.35 -2.21
N TRP B 214 17.90 -23.61 -1.12
CA TRP B 214 16.68 -23.37 -0.38
C TRP B 214 16.14 -21.94 -0.34
N ILE B 215 16.65 -21.06 -1.17
CA ILE B 215 16.16 -19.70 -1.18
C ILE B 215 15.72 -19.49 -2.62
N VAL B 216 14.43 -19.28 -2.79
CA VAL B 216 13.96 -19.10 -4.13
C VAL B 216 13.12 -17.85 -4.26
N GLN B 217 13.59 -16.97 -5.14
CA GLN B 217 12.94 -15.70 -5.39
C GLN B 217 11.59 -15.85 -6.04
N GLY B 218 10.70 -14.93 -5.67
CA GLY B 218 9.35 -14.89 -6.19
C GLY B 218 9.06 -13.46 -6.65
N ASP B 219 7.88 -13.26 -7.22
CA ASP B 219 7.50 -11.94 -7.68
C ASP B 219 6.24 -11.47 -6.98
N PHE B 220 5.88 -12.16 -5.90
CA PHE B 220 4.67 -11.85 -5.11
C PHE B 220 3.39 -12.41 -5.71
N GLU B 221 3.48 -13.02 -6.89
CA GLU B 221 2.33 -13.61 -7.58
C GLU B 221 2.26 -15.12 -7.28
N PRO B 222 1.05 -15.62 -6.99
CA PRO B 222 0.83 -17.01 -6.67
C PRO B 222 1.62 -17.97 -7.54
N GLU B 223 1.66 -17.73 -8.82
CA GLU B 223 2.40 -18.64 -9.68
C GLU B 223 3.85 -18.83 -9.25
N SER B 224 4.53 -17.73 -8.90
CA SER B 224 5.93 -17.78 -8.48
C SER B 224 6.15 -18.62 -7.25
N GLY B 225 5.20 -18.56 -6.33
CA GLY B 225 5.31 -19.33 -5.10
C GLY B 225 5.07 -20.79 -5.45
N TYR B 226 4.27 -21.02 -6.48
CA TYR B 226 3.98 -22.36 -6.89
C TYR B 226 5.26 -23.01 -7.37
N ARG B 227 6.00 -22.30 -8.22
CA ARG B 227 7.26 -22.84 -8.72
C ARG B 227 8.37 -22.98 -7.67
N ALA B 228 8.43 -22.04 -6.71
CA ALA B 228 9.44 -22.06 -5.66
C ALA B 228 9.25 -23.26 -4.74
N MET B 229 8.03 -23.49 -4.29
CA MET B 229 7.77 -24.62 -3.41
C MET B 229 8.19 -25.88 -4.12
N GLN B 230 7.78 -25.96 -5.37
CA GLN B 230 8.08 -27.10 -6.23
C GLN B 230 9.55 -27.36 -6.20
N GLN B 231 10.35 -26.35 -6.44
CA GLN B 231 11.77 -26.55 -6.44
C GLN B 231 12.31 -26.99 -5.10
N ILE B 232 11.91 -26.30 -4.04
CA ILE B 232 12.38 -26.65 -2.71
C ILE B 232 12.13 -28.09 -2.32
N LEU B 233 10.92 -28.57 -2.55
CA LEU B 233 10.58 -29.93 -2.22
C LEU B 233 10.97 -30.92 -3.31
N SER B 234 11.20 -30.42 -4.53
CA SER B 234 11.60 -31.28 -5.64
C SER B 234 13.05 -31.65 -5.48
N GLN B 235 13.55 -31.63 -4.24
CA GLN B 235 14.96 -31.95 -4.02
C GLN B 235 15.27 -32.85 -2.83
N PRO B 236 16.32 -33.68 -2.99
CA PRO B 236 16.78 -34.67 -2.01
C PRO B 236 16.51 -34.33 -0.59
N HIS B 237 17.23 -33.31 -0.13
CA HIS B 237 17.09 -32.86 1.21
C HIS B 237 16.11 -31.67 1.18
N ARG B 238 15.09 -31.71 2.04
CA ARG B 238 14.13 -30.63 2.09
C ARG B 238 13.94 -30.12 3.50
N PRO B 239 13.59 -28.82 3.64
CA PRO B 239 13.41 -28.21 4.94
C PRO B 239 12.11 -28.72 5.58
N THR B 240 11.94 -28.42 6.86
CA THR B 240 10.78 -28.83 7.61
C THR B 240 9.83 -27.66 7.82
N ALA B 241 10.23 -26.51 7.30
CA ALA B 241 9.44 -25.30 7.43
C ALA B 241 9.83 -24.30 6.35
N VAL B 242 8.88 -23.44 5.96
CA VAL B 242 9.15 -22.44 4.93
C VAL B 242 8.61 -21.04 5.19
N PHE B 243 9.46 -20.03 4.99
CA PHE B 243 9.04 -18.67 5.19
C PHE B 243 8.78 -18.08 3.83
N CYS B 244 7.52 -17.68 3.59
CA CYS B 244 7.10 -17.09 2.32
C CYS B 244 6.91 -15.55 2.37
N GLY B 245 7.63 -14.84 1.51
CA GLY B 245 7.60 -13.37 1.44
C GLY B 245 6.24 -12.69 1.50
N GLY B 246 5.23 -13.29 0.88
CA GLY B 246 3.86 -12.72 0.85
C GLY B 246 2.75 -13.79 0.85
N ASP B 247 1.59 -13.44 1.37
CA ASP B 247 0.49 -14.38 1.42
C ASP B 247 0.02 -14.93 0.07
N ILE B 248 -0.23 -14.07 -0.89
CA ILE B 248 -0.66 -14.60 -2.17
C ILE B 248 0.34 -15.55 -2.85
N MET B 249 1.62 -15.46 -2.50
CA MET B 249 2.61 -16.37 -3.11
C MET B 249 2.47 -17.64 -2.30
N ALA B 250 2.28 -17.48 -1.01
CA ALA B 250 2.13 -18.60 -0.12
C ALA B 250 0.99 -19.47 -0.56
N MET B 251 -0.11 -18.83 -0.92
CA MET B 251 -1.26 -19.57 -1.35
C MET B 251 -0.84 -20.42 -2.51
N GLY B 252 0.17 -19.99 -3.23
CA GLY B 252 0.64 -20.75 -4.39
C GLY B 252 1.58 -21.86 -3.96
N ALA B 253 2.17 -21.68 -2.79
CA ALA B 253 3.08 -22.63 -2.22
C ALA B 253 2.21 -23.78 -1.74
N LEU B 254 1.15 -23.43 -1.03
CA LEU B 254 0.21 -24.42 -0.50
C LEU B 254 -0.23 -25.37 -1.62
N CYS B 255 -0.72 -24.79 -2.72
CA CYS B 255 -1.17 -25.55 -3.88
C CYS B 255 -0.19 -26.65 -4.28
N ALA B 256 0.99 -26.23 -4.74
CA ALA B 256 2.03 -27.19 -5.15
C ALA B 256 2.25 -28.27 -4.11
N ALA B 257 2.40 -27.86 -2.85
CA ALA B 257 2.61 -28.78 -1.74
C ALA B 257 1.57 -29.88 -1.84
N ASP B 258 0.32 -29.46 -1.84
CA ASP B 258 -0.82 -30.37 -1.95
C ASP B 258 -0.74 -31.19 -3.23
N GLU B 259 -0.41 -30.54 -4.33
CA GLU B 259 -0.33 -31.23 -5.60
C GLU B 259 0.71 -32.36 -5.60
N MET B 260 1.69 -32.26 -4.71
CA MET B 260 2.72 -33.28 -4.61
C MET B 260 2.48 -34.14 -3.41
N GLY B 261 1.22 -34.35 -3.08
CA GLY B 261 0.90 -35.18 -1.94
C GLY B 261 1.42 -34.70 -0.60
N LEU B 262 1.91 -33.47 -0.52
CA LEU B 262 2.41 -32.97 0.77
C LEU B 262 1.32 -32.43 1.67
N ARG B 263 1.54 -32.50 2.96
CA ARG B 263 0.55 -32.04 3.87
C ARG B 263 1.03 -30.89 4.66
N VAL B 264 0.39 -29.74 4.50
CA VAL B 264 0.83 -28.60 5.27
C VAL B 264 -0.14 -28.57 6.43
N PRO B 265 0.36 -28.57 7.66
CA PRO B 265 1.78 -28.51 7.95
C PRO B 265 2.38 -29.79 8.47
N GLN B 266 1.64 -30.87 8.39
CA GLN B 266 2.17 -32.11 8.89
C GLN B 266 3.48 -32.46 8.21
N ASP B 267 3.56 -32.18 6.93
CA ASP B 267 4.73 -32.43 6.12
C ASP B 267 5.60 -31.17 6.11
N VAL B 268 5.01 -30.02 5.77
CA VAL B 268 5.72 -28.74 5.71
C VAL B 268 4.94 -27.63 6.38
N SER B 269 5.63 -26.85 7.20
CA SER B 269 5.03 -25.73 7.88
C SER B 269 5.27 -24.57 6.92
N LEU B 270 4.35 -23.64 6.89
CA LEU B 270 4.51 -22.52 6.01
C LEU B 270 4.05 -21.30 6.73
N ILE B 271 4.82 -20.23 6.62
CA ILE B 271 4.44 -18.99 7.27
C ILE B 271 4.62 -17.97 6.18
N GLY B 272 3.65 -17.05 6.08
CA GLY B 272 3.70 -16.02 5.04
C GLY B 272 3.86 -14.62 5.63
N TYR B 273 3.49 -13.62 4.86
CA TYR B 273 3.60 -12.26 5.33
C TYR B 273 2.66 -11.43 4.51
N ASP B 274 1.90 -10.59 5.21
CA ASP B 274 0.90 -9.63 4.67
C ASP B 274 -0.41 -9.62 5.44
N ASN B 275 -0.94 -10.80 5.65
CA ASN B 275 -2.18 -11.00 6.33
C ASN B 275 -3.29 -10.38 5.54
N VAL B 276 -3.47 -10.89 4.34
CA VAL B 276 -4.50 -10.43 3.44
C VAL B 276 -5.88 -10.79 3.98
N ARG B 277 -6.89 -10.06 3.53
CA ARG B 277 -8.25 -10.31 3.99
C ARG B 277 -8.70 -11.76 3.95
N ASN B 278 -8.49 -12.44 2.83
CA ASN B 278 -8.91 -13.84 2.72
C ASN B 278 -7.88 -14.88 3.12
N ALA B 279 -6.86 -14.47 3.88
CA ALA B 279 -5.82 -15.41 4.30
C ALA B 279 -6.39 -16.52 5.14
N ARG B 280 -7.25 -16.15 6.09
CA ARG B 280 -7.85 -17.13 6.98
C ARG B 280 -8.60 -18.24 6.29
N TYR B 281 -8.98 -18.01 5.06
CA TYR B 281 -9.71 -18.99 4.34
C TYR B 281 -8.87 -19.80 3.41
N PHE B 282 -7.58 -19.73 3.63
CA PHE B 282 -6.63 -20.48 2.82
C PHE B 282 -6.76 -21.86 3.51
N THR B 283 -6.39 -22.91 2.81
CA THR B 283 -6.49 -24.24 3.37
C THR B 283 -5.07 -24.74 3.49
N PRO B 284 -4.54 -24.78 4.69
CA PRO B 284 -5.25 -24.37 5.90
C PRO B 284 -5.15 -22.90 6.26
N ALA B 285 -5.91 -22.47 7.25
CA ALA B 285 -5.86 -21.08 7.65
C ALA B 285 -4.42 -20.72 7.91
N LEU B 286 -3.93 -19.79 7.09
CA LEU B 286 -2.57 -19.27 7.08
C LEU B 286 -1.99 -18.49 8.22
N THR B 287 -0.94 -19.03 8.84
CA THR B 287 -0.27 -18.35 9.94
C THR B 287 0.59 -17.35 9.19
N THR B 288 0.52 -16.08 9.57
CA THR B 288 1.32 -15.09 8.86
C THR B 288 1.59 -13.88 9.67
N ILE B 289 2.39 -12.99 9.08
CA ILE B 289 2.77 -11.73 9.72
C ILE B 289 1.86 -10.64 9.15
N HIS B 290 1.17 -9.95 10.03
CA HIS B 290 0.26 -8.93 9.61
C HIS B 290 0.80 -7.54 9.41
N GLN B 291 0.51 -7.00 8.23
CA GLN B 291 0.91 -5.66 7.86
C GLN B 291 -0.32 -4.79 7.99
N PRO B 292 -0.23 -3.77 8.82
CA PRO B 292 -1.34 -2.86 9.03
C PRO B 292 -1.55 -2.05 7.76
N LYS B 293 -2.41 -2.52 6.88
CA LYS B 293 -2.61 -1.79 5.65
C LYS B 293 -3.54 -0.55 5.72
N ASP B 294 -4.57 -0.62 6.56
CA ASP B 294 -5.48 0.53 6.69
C ASP B 294 -4.65 1.67 7.31
N SER B 295 -4.04 1.37 8.44
CA SER B 295 -3.22 2.32 9.15
C SER B 295 -2.17 2.90 8.20
N LEU B 296 -1.75 2.11 7.23
CA LEU B 296 -0.77 2.60 6.30
C LEU B 296 -1.51 3.65 5.50
N GLY B 297 -2.60 3.26 4.85
CA GLY B 297 -3.39 4.20 4.05
C GLY B 297 -3.73 5.50 4.80
N GLU B 298 -4.51 5.38 5.87
CA GLU B 298 -4.90 6.54 6.63
C GLU B 298 -3.71 7.34 7.09
N THR B 299 -2.73 6.69 7.67
CA THR B 299 -1.56 7.45 8.12
C THR B 299 -0.83 8.24 7.00
N ALA B 300 -0.93 7.76 5.76
CA ALA B 300 -0.27 8.44 4.66
C ALA B 300 -1.14 9.58 4.27
N PHE B 301 -2.42 9.29 4.10
CA PHE B 301 -3.33 10.34 3.72
C PHE B 301 -3.30 11.45 4.71
N ASN B 302 -3.13 11.09 5.97
CA ASN B 302 -3.10 12.10 7.00
C ASN B 302 -1.83 12.94 7.06
N MET B 303 -0.73 12.41 6.52
CA MET B 303 0.50 13.16 6.54
C MET B 303 0.33 14.19 5.43
N LEU B 304 -0.05 13.69 4.24
CA LEU B 304 -0.25 14.53 3.08
C LEU B 304 -1.13 15.73 3.40
N LEU B 305 -2.32 15.46 3.94
CA LEU B 305 -3.24 16.53 4.30
C LEU B 305 -2.54 17.60 5.07
N ASP B 306 -1.90 17.21 6.16
CA ASP B 306 -1.15 18.12 7.03
C ASP B 306 -0.30 19.07 6.18
N ARG B 307 0.70 18.49 5.51
CA ARG B 307 1.60 19.23 4.64
C ARG B 307 0.75 20.10 3.74
N ILE B 308 -0.35 19.54 3.26
CA ILE B 308 -1.23 20.28 2.37
C ILE B 308 -1.82 21.50 3.01
N VAL B 309 -2.61 21.28 4.05
CA VAL B 309 -3.25 22.37 4.73
C VAL B 309 -2.28 23.23 5.51
N ASN B 310 -1.67 22.66 6.54
CA ASN B 310 -0.73 23.40 7.36
C ASN B 310 0.57 23.77 6.67
N LYS B 311 0.54 23.73 5.35
CA LYS B 311 1.70 24.07 4.51
C LYS B 311 3.08 23.68 5.05
N ARG B 312 3.20 22.47 5.61
CA ARG B 312 4.47 22.04 6.14
C ARG B 312 5.45 21.85 4.99
N GLU B 313 6.74 21.97 5.29
CA GLU B 313 7.76 21.83 4.26
C GLU B 313 8.81 20.78 4.57
N GLU B 314 9.01 20.53 5.86
CA GLU B 314 10.00 19.56 6.30
C GLU B 314 9.52 18.13 6.15
N PRO B 315 10.46 17.25 5.90
CA PRO B 315 10.18 15.86 5.73
C PRO B 315 9.66 15.30 7.04
N GLN B 316 8.89 14.23 6.91
CA GLN B 316 8.30 13.56 8.05
C GLN B 316 8.26 12.09 7.76
N SER B 317 8.54 11.27 8.76
CA SER B 317 8.51 9.83 8.58
C SER B 317 7.88 9.20 9.80
N ILE B 318 6.84 8.40 9.58
CA ILE B 318 6.15 7.74 10.67
C ILE B 318 6.27 6.25 10.47
N GLU B 319 6.56 5.54 11.55
CA GLU B 319 6.71 4.11 11.49
C GLU B 319 5.41 3.43 11.88
N VAL B 320 5.22 2.24 11.32
CA VAL B 320 4.04 1.41 11.57
C VAL B 320 4.58 0.01 11.91
N HIS B 321 3.80 -0.80 12.63
CA HIS B 321 4.31 -2.13 12.99
C HIS B 321 3.58 -3.43 12.66
N PRO B 322 4.32 -4.37 12.08
CA PRO B 322 3.75 -5.66 11.71
C PRO B 322 3.64 -6.46 12.99
N ARG B 323 2.80 -7.47 12.96
CA ARG B 323 2.64 -8.30 14.14
C ARG B 323 2.26 -9.71 13.72
N LEU B 324 2.65 -10.68 14.52
CA LEU B 324 2.36 -12.06 14.19
C LEU B 324 0.95 -12.50 14.38
N ILE B 325 0.47 -13.31 13.44
CA ILE B 325 -0.88 -13.82 13.53
C ILE B 325 -0.79 -15.33 13.44
N GLU B 326 -1.01 -15.97 14.57
CA GLU B 326 -0.95 -17.43 14.61
C GLU B 326 -2.22 -18.14 14.07
N ARG B 327 -2.11 -18.83 12.95
CA ARG B 327 -3.27 -19.55 12.37
C ARG B 327 -3.03 -21.09 12.46
N ARG B 328 -3.27 -21.84 11.40
CA ARG B 328 -3.05 -23.27 11.47
C ARG B 328 -2.10 -23.84 10.44
N SER B 329 -1.12 -23.07 9.98
CA SER B 329 -0.20 -23.60 8.97
C SER B 329 1.20 -23.95 9.42
N VAL B 330 1.45 -23.79 10.71
CA VAL B 330 2.76 -24.11 11.24
C VAL B 330 2.60 -25.18 12.31
N ALA B 331 3.48 -26.18 12.25
CA ALA B 331 3.49 -27.31 13.20
C ALA B 331 4.77 -27.30 14.04
N ASP B 332 4.75 -27.95 15.21
CA ASP B 332 5.96 -28.00 16.06
C ASP B 332 7.06 -28.63 15.24
N GLY B 333 8.30 -28.34 15.60
CA GLY B 333 9.47 -28.87 14.89
C GLY B 333 10.25 -29.88 15.73
N PRO B 334 11.19 -30.52 15.07
CA PRO B 334 12.04 -31.54 15.69
C PRO B 334 12.77 -31.16 16.97
N PHE B 335 13.08 -29.89 17.12
CA PHE B 335 13.80 -29.46 18.30
C PHE B 335 12.93 -28.79 19.34
N ARG B 336 11.61 -28.78 19.15
CA ARG B 336 10.79 -28.11 20.14
C ARG B 336 11.03 -28.48 21.57
N ASP B 337 10.98 -29.77 21.85
CA ASP B 337 11.18 -30.27 23.21
C ASP B 337 12.55 -29.95 23.76
N TYR B 338 13.51 -29.73 22.87
CA TYR B 338 14.86 -29.44 23.28
C TYR B 338 15.20 -27.96 23.46
N ARG B 339 14.54 -27.23 24.36
CA ARG B 339 14.93 -25.82 24.50
C ARG B 339 14.70 -25.23 25.85
N1 HPA C . 3.26 -6.92 -4.15
C2 HPA C . 2.30 -7.76 -3.61
N3 HPA C . 2.21 -8.06 -2.32
C4 HPA C . 3.19 -7.46 -1.60
C5 HPA C . 4.18 -6.61 -2.03
C6 HPA C . 4.26 -6.28 -3.41
O6 HPA C . 5.08 -5.55 -3.98
N7 HPA C . 4.97 -6.20 -0.97
C8 HPA C . 4.45 -6.79 0.07
N9 HPA C . 3.37 -7.58 -0.23
#